data_3GHJ
#
_entry.id   3GHJ
#
_cell.length_a   51.001
_cell.length_b   66.391
_cell.length_c   80.822
_cell.angle_alpha   90.000
_cell.angle_beta   90.000
_cell.angle_gamma   90.000
#
_symmetry.space_group_name_H-M   'C 2 2 21'
#
loop_
_entity.id
_entity.type
_entity.pdbx_description
1 polymer 'Putative integron gene cassette protein'
2 water water
#
_entity_poly.entity_id   1
_entity_poly.type   'polypeptide(L)'
_entity_poly.pdbx_seq_one_letter_code
;(MSE)GSSHHHHHHSSGRENLYFQGVP(MSE)NIKGLFEVAVKVKNLEKSSQFYTEILGFEAGLLDSARRWNFLWVSGRA
G(MSE)VVLQEEKENWQQQHFSFRVEKSEIEPLKKALESKGVSVHGPVNQEW(MSE)QAVSLYFADPNGHALEFTAL
;
_entity_poly.pdbx_strand_id   A
#
# COMPACT_ATOMS: atom_id res chain seq x y z
N ILE A 26 -17.36 5.03 14.72
CA ILE A 26 -16.44 4.68 13.62
C ILE A 26 -15.01 4.68 14.16
N LYS A 27 -14.32 3.55 13.99
CA LYS A 27 -13.05 3.33 14.68
C LYS A 27 -11.81 3.61 13.85
N GLY A 28 -11.96 3.75 12.54
N GLY A 28 -11.97 3.77 12.45
CA GLY A 28 -10.82 4.02 11.69
CA GLY A 28 -10.83 4.04 11.59
C GLY A 28 -11.11 3.56 10.27
C GLY A 28 -11.12 3.59 10.17
N LEU A 29 -10.10 3.62 9.42
N LEU A 29 -10.10 3.62 9.41
CA LEU A 29 -10.23 3.15 8.04
CA LEU A 29 -10.19 3.15 8.03
C LEU A 29 -9.92 1.66 8.04
C LEU A 29 -9.85 1.67 7.97
N PHE A 30 -10.71 0.87 7.35
CA PHE A 30 -10.50 -0.58 7.27
C PHE A 30 -9.97 -1.05 5.91
N GLU A 31 -10.62 -0.65 4.84
CA GLU A 31 -10.28 -1.21 3.54
C GLU A 31 -10.30 -0.17 2.42
N VAL A 32 -9.47 -0.39 1.41
N VAL A 32 -9.52 -0.43 1.38
CA VAL A 32 -9.51 0.38 0.18
CA VAL A 32 -9.51 0.40 0.19
C VAL A 32 -9.51 -0.56 -1.01
C VAL A 32 -9.39 -0.47 -1.06
N ALA A 33 -10.25 -0.21 -2.04
CA ALA A 33 -10.18 -0.91 -3.33
C ALA A 33 -9.14 -0.22 -4.19
N VAL A 34 -8.25 -1.02 -4.76
CA VAL A 34 -7.14 -0.50 -5.56
C VAL A 34 -7.26 -1.06 -6.97
N LYS A 35 -7.41 -0.17 -7.95
CA LYS A 35 -7.46 -0.59 -9.35
C LYS A 35 -6.06 -0.94 -9.83
N VAL A 36 -5.90 -2.13 -10.40
CA VAL A 36 -4.59 -2.58 -10.84
C VAL A 36 -4.58 -3.00 -12.30
N LYS A 37 -3.47 -2.77 -12.98
CA LYS A 37 -3.33 -3.17 -14.38
C LYS A 37 -3.17 -4.67 -14.56
N ASN A 38 -2.51 -5.32 -13.61
CA ASN A 38 -2.22 -6.75 -13.70
C ASN A 38 -2.39 -7.37 -12.32
N LEU A 39 -3.41 -8.20 -12.19
CA LEU A 39 -3.74 -8.77 -10.88
C LEU A 39 -2.58 -9.55 -10.29
N GLU A 40 -1.90 -10.35 -11.11
CA GLU A 40 -0.81 -11.17 -10.59
C GLU A 40 0.38 -10.33 -10.14
N LYS A 41 0.77 -9.37 -10.97
CA LYS A 41 1.93 -8.56 -10.63
C LYS A 41 1.65 -7.70 -9.40
N SER A 42 0.44 -7.17 -9.32
CA SER A 42 0.11 -6.37 -8.14
C SER A 42 -0.05 -7.25 -6.90
N SER A 43 -0.66 -8.42 -7.03
CA SER A 43 -0.76 -9.32 -5.90
C SER A 43 0.63 -9.67 -5.37
N GLN A 44 1.57 -9.89 -6.28
N GLN A 44 1.57 -9.89 -6.28
CA GLN A 44 2.94 -10.19 -5.89
CA GLN A 44 2.94 -10.20 -5.87
C GLN A 44 3.53 -9.06 -5.07
C GLN A 44 3.55 -9.06 -5.07
N PHE A 45 3.32 -7.82 -5.51
CA PHE A 45 3.84 -6.67 -4.80
C PHE A 45 3.24 -6.54 -3.39
N TYR A 46 1.91 -6.60 -3.31
CA TYR A 46 1.25 -6.41 -2.03
C TYR A 46 1.52 -7.53 -1.02
N THR A 47 1.72 -8.75 -1.52
CA THR A 47 2.01 -9.86 -0.62
C THR A 47 3.51 -10.01 -0.32
N GLU A 48 4.34 -9.93 -1.35
CA GLU A 48 5.76 -10.24 -1.16
C GLU A 48 6.56 -9.03 -0.67
N ILE A 49 6.20 -7.84 -1.14
CA ILE A 49 6.92 -6.65 -0.72
C ILE A 49 6.30 -6.02 0.52
N LEU A 50 4.98 -5.80 0.49
CA LEU A 50 4.32 -5.23 1.67
C LEU A 50 3.94 -6.27 2.74
N GLY A 51 3.94 -7.54 2.38
CA GLY A 51 3.72 -8.59 3.36
C GLY A 51 2.26 -8.83 3.73
N PHE A 52 1.35 -8.32 2.92
CA PHE A 52 -0.06 -8.56 3.19
C PHE A 52 -0.40 -10.04 2.96
N GLU A 53 -1.40 -10.52 3.64
CA GLU A 53 -1.68 -11.93 3.62
C GLU A 53 -2.84 -12.30 2.74
N ALA A 54 -2.78 -13.49 2.20
CA ALA A 54 -3.84 -13.97 1.34
C ALA A 54 -5.17 -13.94 2.08
N GLY A 55 -6.22 -13.63 1.32
CA GLY A 55 -7.57 -13.62 1.84
C GLY A 55 -8.47 -14.38 0.90
N LEU A 56 -8.99 -13.69 -0.11
CA LEU A 56 -9.84 -14.31 -1.11
C LEU A 56 -9.40 -13.86 -2.50
N LEU A 57 -8.94 -14.80 -3.31
CA LEU A 57 -8.61 -14.52 -4.69
C LEU A 57 -9.78 -14.95 -5.57
N ASP A 58 -10.45 -13.98 -6.17
CA ASP A 58 -11.58 -14.24 -7.06
C ASP A 58 -11.11 -14.08 -8.50
N SER A 59 -10.59 -15.17 -9.07
CA SER A 59 -10.04 -15.14 -10.42
C SER A 59 -11.11 -14.85 -11.46
N ALA A 60 -12.38 -14.98 -11.07
CA ALA A 60 -13.49 -14.70 -11.96
C ALA A 60 -13.63 -13.20 -12.20
N ARG A 61 -13.86 -12.46 -11.12
CA ARG A 61 -14.01 -11.01 -11.21
C ARG A 61 -12.66 -10.33 -11.33
N ARG A 62 -11.59 -11.10 -11.16
CA ARG A 62 -10.24 -10.55 -11.17
C ARG A 62 -10.03 -9.59 -9.99
N TRP A 63 -10.41 -10.06 -8.80
CA TRP A 63 -10.22 -9.30 -7.56
C TRP A 63 -9.42 -10.16 -6.60
N ASN A 64 -8.60 -9.51 -5.76
CA ASN A 64 -7.89 -10.22 -4.72
C ASN A 64 -8.00 -9.43 -3.42
N PHE A 65 -8.65 -10.02 -2.43
CA PHE A 65 -8.84 -9.42 -1.11
C PHE A 65 -7.69 -9.87 -0.23
N LEU A 66 -6.88 -8.91 0.21
CA LEU A 66 -5.67 -9.20 1.01
C LEU A 66 -5.75 -8.55 2.38
N TRP A 67 -5.24 -9.23 3.40
CA TRP A 67 -5.31 -8.75 4.77
C TRP A 67 -4.07 -7.98 5.18
N VAL A 68 -4.30 -6.88 5.89
CA VAL A 68 -3.24 -6.05 6.47
C VAL A 68 -3.21 -6.25 7.98
N SER A 69 -2.02 -6.57 8.50
CA SER A 69 -1.81 -6.73 9.94
C SER A 69 -2.84 -7.66 10.59
N GLY A 70 -2.98 -8.87 10.02
CA GLY A 70 -3.90 -9.85 10.57
C GLY A 70 -5.32 -9.60 10.12
N ARG A 71 -6.11 -8.94 10.96
CA ARG A 71 -7.46 -8.54 10.60
C ARG A 71 -7.67 -7.05 10.80
N ALA A 72 -6.57 -6.29 10.85
CA ALA A 72 -6.67 -4.86 11.11
C ALA A 72 -7.13 -4.04 9.89
N GLY A 73 -6.82 -4.52 8.69
CA GLY A 73 -7.17 -3.80 7.48
C GLY A 73 -7.21 -4.73 6.30
N VAL A 75 -6.90 -4.71 1.68
N VAL A 75 -6.81 -4.65 1.71
CA VAL A 75 -6.77 -4.09 0.38
CA VAL A 75 -6.86 -4.03 0.39
C VAL A 75 -7.40 -4.98 -0.68
C VAL A 75 -7.57 -5.00 -0.53
N VAL A 76 -8.36 -4.45 -1.44
CA VAL A 76 -9.02 -5.25 -2.48
C VAL A 76 -8.44 -4.83 -3.82
N LEU A 77 -7.58 -5.66 -4.39
CA LEU A 77 -7.02 -5.37 -5.69
C LEU A 77 -8.06 -5.74 -6.74
N GLN A 78 -8.31 -4.83 -7.68
CA GLN A 78 -9.31 -5.07 -8.71
C GLN A 78 -8.71 -4.78 -10.07
N GLU A 79 -8.62 -5.79 -10.93
CA GLU A 79 -7.99 -5.57 -12.22
C GLU A 79 -8.85 -4.73 -13.14
N GLU A 80 -8.23 -3.71 -13.70
N GLU A 80 -8.24 -3.70 -13.70
CA GLU A 80 -8.85 -2.80 -14.68
CA GLU A 80 -8.87 -2.84 -14.69
C GLU A 80 -7.79 -2.42 -15.71
C GLU A 80 -7.80 -2.41 -15.71
N LYS A 81 -7.95 -2.83 -16.96
CA LYS A 81 -6.92 -2.59 -17.97
C LYS A 81 -7.03 -1.24 -18.69
N GLU A 82 -8.14 -0.54 -18.51
CA GLU A 82 -8.33 0.79 -19.09
C GLU A 82 -8.55 1.91 -18.07
N ASN A 83 -8.49 3.15 -18.51
N ASN A 83 -8.53 3.15 -18.53
CA ASN A 83 -8.90 4.32 -17.73
CA ASN A 83 -8.89 4.29 -17.71
C ASN A 83 -8.10 4.54 -16.44
C ASN A 83 -8.09 4.34 -16.41
N TRP A 84 -6.78 4.54 -16.54
CA TRP A 84 -5.93 4.68 -15.36
C TRP A 84 -6.17 6.00 -14.64
N GLN A 85 -6.31 5.95 -13.31
N GLN A 85 -6.30 5.93 -13.31
CA GLN A 85 -6.33 7.12 -12.48
CA GLN A 85 -6.34 7.09 -12.49
C GLN A 85 -5.53 6.86 -11.21
C GLN A 85 -5.53 6.85 -11.21
N GLN A 86 -4.68 7.79 -10.86
CA GLN A 86 -3.85 7.61 -9.68
C GLN A 86 -4.70 7.62 -8.40
N GLN A 87 -4.39 6.70 -7.52
CA GLN A 87 -4.96 6.65 -6.19
C GLN A 87 -3.90 7.01 -5.15
N HIS A 88 -4.38 7.47 -4.00
CA HIS A 88 -3.54 7.72 -2.85
C HIS A 88 -4.17 7.14 -1.61
N PHE A 89 -3.35 6.40 -0.86
CA PHE A 89 -3.71 5.87 0.42
C PHE A 89 -2.47 5.60 1.24
N SER A 90 -2.62 5.49 2.54
N SER A 90 -2.64 5.47 2.54
CA SER A 90 -1.47 5.26 3.41
CA SER A 90 -1.49 5.27 3.41
C SER A 90 -1.75 4.19 4.45
C SER A 90 -1.75 4.21 4.48
N PHE A 91 -0.67 3.56 4.92
CA PHE A 91 -0.75 2.56 5.97
C PHE A 91 -0.07 3.10 7.22
N ARG A 92 -0.61 2.76 8.39
N ARG A 92 -0.60 2.72 8.37
CA ARG A 92 -0.03 3.25 9.63
CA ARG A 92 -0.08 3.12 9.66
C ARG A 92 1.12 2.37 10.08
C ARG A 92 1.17 2.33 10.02
N VAL A 93 2.21 3.03 10.48
CA VAL A 93 3.41 2.37 11.01
C VAL A 93 3.88 3.15 12.22
N GLU A 94 4.79 2.54 13.01
CA GLU A 94 5.36 3.22 14.16
C GLU A 94 6.47 4.17 13.72
N LYS A 95 6.61 5.30 14.42
CA LYS A 95 7.64 6.27 14.06
C LYS A 95 9.04 5.65 14.07
N SER A 96 9.28 4.78 15.05
N SER A 96 9.30 4.79 15.05
CA SER A 96 10.58 4.14 15.19
CA SER A 96 10.63 4.19 15.14
C SER A 96 10.90 3.17 14.06
C SER A 96 10.92 3.25 13.98
N GLU A 97 9.89 2.80 13.27
CA GLU A 97 10.08 1.86 12.18
C GLU A 97 10.23 2.53 10.81
N ILE A 98 10.20 3.86 10.78
CA ILE A 98 10.33 4.60 9.53
C ILE A 98 11.63 4.26 8.78
N GLU A 99 12.78 4.32 9.43
CA GLU A 99 14.01 4.02 8.70
C GLU A 99 14.14 2.55 8.29
N PRO A 100 13.81 1.61 9.19
CA PRO A 100 13.83 0.20 8.75
C PRO A 100 12.90 -0.05 7.56
N LEU A 101 11.73 0.55 7.55
CA LEU A 101 10.79 0.29 6.46
C LEU A 101 11.29 0.90 5.16
N LYS A 102 11.82 2.11 5.23
CA LYS A 102 12.43 2.73 4.06
C LYS A 102 13.51 1.83 3.46
N LYS A 103 14.41 1.34 4.33
CA LYS A 103 15.50 0.48 3.89
C LYS A 103 14.99 -0.83 3.31
N ALA A 104 13.98 -1.41 3.94
CA ALA A 104 13.43 -2.68 3.47
C ALA A 104 12.84 -2.52 2.07
N LEU A 105 12.06 -1.46 1.86
CA LEU A 105 11.51 -1.20 0.54
C LEU A 105 12.62 -1.01 -0.48
N GLU A 106 13.61 -0.20 -0.13
CA GLU A 106 14.72 0.08 -1.04
C GLU A 106 15.45 -1.22 -1.42
N SER A 107 15.61 -2.12 -0.45
N SER A 107 15.59 -2.12 -0.45
CA SER A 107 16.31 -3.37 -0.71
CA SER A 107 16.29 -3.39 -0.66
C SER A 107 15.55 -4.24 -1.71
C SER A 107 15.50 -4.37 -1.53
N LYS A 108 14.24 -4.04 -1.79
CA LYS A 108 13.39 -4.83 -2.67
C LYS A 108 13.17 -4.11 -3.99
N GLY A 109 13.92 -3.04 -4.21
CA GLY A 109 13.90 -2.30 -5.47
C GLY A 109 12.88 -1.19 -5.57
N VAL A 110 12.31 -0.79 -4.43
CA VAL A 110 11.30 0.27 -4.42
C VAL A 110 11.90 1.59 -4.01
N SER A 111 11.74 2.62 -4.85
N SER A 111 11.77 2.60 -4.87
CA SER A 111 12.24 3.95 -4.55
CA SER A 111 12.23 3.94 -4.55
C SER A 111 11.38 4.67 -3.52
C SER A 111 11.38 4.52 -3.43
N VAL A 112 12.01 5.16 -2.46
CA VAL A 112 11.28 5.75 -1.35
C VAL A 112 11.65 7.21 -1.16
N HIS A 113 10.63 8.04 -0.93
N HIS A 113 10.63 8.05 -1.02
CA HIS A 113 10.84 9.47 -0.75
CA HIS A 113 10.82 9.46 -0.71
C HIS A 113 10.40 9.92 0.66
C HIS A 113 10.50 9.72 0.74
N GLY A 114 11.33 10.50 1.40
CA GLY A 114 11.13 10.83 2.79
C GLY A 114 12.25 10.22 3.62
N PRO A 115 12.14 10.28 4.95
CA PRO A 115 10.96 10.76 5.67
C PRO A 115 10.64 12.24 5.48
N VAL A 116 9.35 12.53 5.39
CA VAL A 116 8.85 13.89 5.33
C VAL A 116 8.12 14.17 6.62
N ASN A 117 8.53 15.22 7.34
CA ASN A 117 7.84 15.61 8.56
C ASN A 117 6.53 16.35 8.22
N GLN A 118 5.46 15.93 8.86
CA GLN A 118 4.16 16.60 8.73
C GLN A 118 3.89 17.29 10.05
N GLU A 119 4.49 18.47 10.22
CA GLU A 119 4.47 19.16 11.49
C GLU A 119 3.04 19.41 11.98
N TRP A 120 2.18 19.86 11.06
CA TRP A 120 0.83 20.22 11.45
C TRP A 120 0.05 19.07 12.07
N GLN A 122 1.81 16.36 13.48
N GLN A 122 1.80 16.36 13.50
CA GLN A 122 2.78 15.63 14.30
CA GLN A 122 2.79 15.64 14.29
C GLN A 122 3.00 14.22 13.74
C GLN A 122 2.99 14.22 13.74
N ALA A 123 3.28 14.14 12.45
CA ALA A 123 3.42 12.85 11.79
C ALA A 123 4.67 12.82 10.93
N VAL A 124 5.08 11.62 10.55
CA VAL A 124 6.20 11.41 9.64
C VAL A 124 5.72 10.48 8.52
N SER A 125 6.05 10.80 7.27
CA SER A 125 5.58 10.01 6.14
C SER A 125 6.71 9.51 5.25
N LEU A 126 6.53 8.33 4.69
CA LEU A 126 7.32 7.86 3.58
C LEU A 126 6.42 7.68 2.39
N TYR A 127 6.92 7.98 1.19
CA TYR A 127 6.13 7.88 -0.02
C TYR A 127 6.79 6.96 -1.03
N PHE A 128 5.98 6.13 -1.69
CA PHE A 128 6.49 5.22 -2.70
C PHE A 128 5.35 4.79 -3.60
N ALA A 129 5.70 4.18 -4.72
CA ALA A 129 4.72 3.74 -5.72
C ALA A 129 4.48 2.24 -5.66
N ASP A 130 3.26 1.81 -5.97
CA ASP A 130 3.01 0.43 -6.28
C ASP A 130 3.27 0.20 -7.79
N PRO A 131 3.07 -1.03 -8.29
CA PRO A 131 3.40 -1.27 -9.71
C PRO A 131 2.54 -0.48 -10.69
N ASN A 132 1.44 0.07 -10.21
CA ASN A 132 0.51 0.84 -11.02
C ASN A 132 0.81 2.32 -10.95
N GLY A 133 1.82 2.71 -10.18
CA GLY A 133 2.11 4.11 -9.99
C GLY A 133 1.17 4.79 -9.02
N HIS A 134 0.40 4.02 -8.26
CA HIS A 134 -0.37 4.67 -7.21
C HIS A 134 0.55 5.27 -6.18
N ALA A 135 0.08 6.34 -5.54
CA ALA A 135 0.87 7.06 -4.56
C ALA A 135 0.62 6.46 -3.18
N LEU A 136 1.47 5.52 -2.79
CA LEU A 136 1.34 4.89 -1.48
C LEU A 136 2.18 5.63 -0.46
N GLU A 137 1.88 5.38 0.81
CA GLU A 137 2.51 6.11 1.89
C GLU A 137 2.50 5.23 3.15
N PHE A 138 3.56 5.35 3.94
CA PHE A 138 3.54 4.90 5.33
C PHE A 138 3.47 6.16 6.19
N THR A 139 2.53 6.19 7.12
CA THR A 139 2.36 7.35 8.01
C THR A 139 2.55 6.92 9.44
N ALA A 140 3.42 7.64 10.15
CA ALA A 140 3.64 7.38 11.58
C ALA A 140 3.17 8.58 12.40
N LEU A 141 2.41 8.31 13.46
CA LEU A 141 1.77 9.36 14.24
C LEU A 141 2.17 9.26 15.71
#